data_9DLK
#
_entry.id   9DLK
#
_cell.length_a   85.760
_cell.length_b   85.760
_cell.length_c   139.507
_cell.angle_alpha   90.000
_cell.angle_beta   90.000
_cell.angle_gamma   120.000
#
_symmetry.space_group_name_H-M   'P 64'
#
loop_
_entity.id
_entity.type
_entity.pdbx_description
1 polymer 'Dihydroorotate dehydrogenase (quinone), mitochondrial'
2 non-polymer 3-[(R)-amino[3-chloro-4-(trifluoromethyl)phenyl](cyclopropyl)methyl]-6-cyclopropyl-2-methyl-2,6-dihydro-7H-pyrazolo[3,4-d]pyridazin-7-one
3 non-polymer 'FLAVIN MONONUCLEOTIDE'
4 non-polymer 6-[bis(oxidanyl)methyl]-5~{H}-pyrimidine-2,4-dione
5 non-polymer 'ACETIC ACID'
#
_entity_poly.entity_id   1
_entity_poly.type   'polypeptide(L)'
_entity_poly.pdbx_seq_one_letter_code
;MGHHHHHHAENLYFQGADPFESYNPEFFLYDIFLKFCLKYIDGEICHDLFLLLGKYNILPYDTSNDSIYACTNIKHLDFI
NPFGVAAGFDKNGVCIDSILKLGFSFIEIGTITPRGQTGNAKPRIFRDVESRSIINSCGFNNMGCDKVTENLILFRKRQE
EDKLLSKHIVGVSIGKNKDTVNIVDDLKYCINKIGRYADYIAINVSSPNTPGLRDNQEAGKLKNIILSVKEEIDNLEKNN
IMNDEFLWFNTTKKKPLVFVKLAPDLNQEQKKEIADVLLETNIDGMIISNTTTQINDIKSFENKKGGVSGAKLKDISTKF
ICEMYNYTNKQIPIIASGGIFSGLDALEKIEAGASVCQLYSCLVFNGMKSAVQIKRELNHLLYQRGYYNLKEAIGRKHSK
S
;
_entity_poly.pdbx_strand_id   A
#
# COMPACT_ATOMS: atom_id res chain seq x y z
N ASN A 24 -16.64 18.66 -5.27
CA ASN A 24 -16.23 18.98 -6.64
C ASN A 24 -17.23 18.40 -7.63
N PRO A 25 -17.65 19.19 -8.62
CA PRO A 25 -18.63 18.69 -9.60
C PRO A 25 -18.20 17.39 -10.28
N GLU A 26 -16.90 17.13 -10.40
CA GLU A 26 -16.43 15.98 -11.17
C GLU A 26 -16.49 14.69 -10.35
N PHE A 27 -16.06 14.72 -9.08
CA PHE A 27 -16.03 13.51 -8.29
C PHE A 27 -17.41 12.85 -8.23
N PHE A 28 -18.45 13.65 -8.00
CA PHE A 28 -19.75 13.09 -7.65
C PHE A 28 -20.42 12.41 -8.85
N LEU A 29 -20.10 12.82 -10.07
CA LEU A 29 -20.70 12.18 -11.23
C LEU A 29 -20.35 10.70 -11.32
N TYR A 30 -19.14 10.33 -10.90
CA TYR A 30 -18.75 8.92 -10.93
C TYR A 30 -19.43 8.10 -9.84
N ASP A 31 -19.90 8.74 -8.76
CA ASP A 31 -20.62 7.99 -7.73
C ASP A 31 -21.87 7.32 -8.29
N ILE A 32 -22.47 7.89 -9.33
CA ILE A 32 -23.72 7.36 -9.85
C ILE A 32 -23.48 6.00 -10.49
N PHE A 33 -22.40 5.87 -11.24
CA PHE A 33 -22.07 4.60 -11.88
C PHE A 33 -21.51 3.58 -10.90
N LEU A 34 -21.10 4.02 -9.71
CA LEU A 34 -20.40 3.14 -8.78
C LEU A 34 -21.25 1.93 -8.39
N LYS A 35 -22.50 2.18 -8.03
CA LYS A 35 -23.37 1.08 -7.59
C LYS A 35 -23.70 0.14 -8.75
N PHE A 36 -23.89 0.70 -9.95
CA PHE A 36 -24.12 -0.15 -11.12
C PHE A 36 -22.95 -1.10 -11.34
N CYS A 37 -21.72 -0.57 -11.30
CA CYS A 37 -20.54 -1.39 -11.51
C CYS A 37 -20.45 -2.50 -10.47
N LEU A 38 -20.58 -2.14 -9.19
CA LEU A 38 -20.47 -3.14 -8.13
C LEU A 38 -21.53 -4.22 -8.22
N LYS A 39 -22.60 -3.99 -8.99
CA LYS A 39 -23.73 -4.90 -9.06
C LYS A 39 -23.72 -5.79 -10.29
N TYR A 40 -23.29 -5.26 -11.44
CA TYR A 40 -23.40 -5.96 -12.71
C TYR A 40 -22.07 -6.27 -13.39
N ILE A 41 -21.02 -5.51 -13.10
CA ILE A 41 -19.76 -5.61 -13.82
C ILE A 41 -18.77 -6.44 -13.03
N ASP A 42 -17.93 -7.18 -13.76
CA ASP A 42 -16.84 -7.93 -13.13
C ASP A 42 -15.83 -6.98 -12.51
N GLY A 43 -15.16 -7.46 -11.46
CA GLY A 43 -14.25 -6.60 -10.73
C GLY A 43 -13.07 -6.12 -11.57
N GLU A 44 -12.47 -7.03 -12.34
CA GLU A 44 -11.27 -6.65 -13.08
C GLU A 44 -11.59 -5.72 -14.25
N ILE A 45 -12.76 -5.88 -14.87
CA ILE A 45 -13.18 -4.88 -15.85
C ILE A 45 -13.28 -3.51 -15.19
N CYS A 46 -13.87 -3.45 -14.00
CA CYS A 46 -13.89 -2.20 -13.25
C CYS A 46 -12.48 -1.68 -13.02
N HIS A 47 -11.55 -2.56 -12.67
CA HIS A 47 -10.16 -2.15 -12.46
C HIS A 47 -9.56 -1.63 -13.75
N ASP A 48 -9.76 -2.35 -14.85
CA ASP A 48 -9.23 -1.93 -16.13
C ASP A 48 -9.78 -0.58 -16.55
N LEU A 49 -11.10 -0.39 -16.41
CA LEU A 49 -11.71 0.89 -16.76
C LEU A 49 -11.08 2.02 -15.96
N PHE A 50 -10.94 1.84 -14.64
CA PHE A 50 -10.34 2.87 -13.81
C PHE A 50 -8.95 3.23 -14.30
N LEU A 51 -8.14 2.22 -14.62
CA LEU A 51 -6.82 2.47 -15.16
C LEU A 51 -6.90 3.16 -16.51
N LEU A 52 -7.91 2.83 -17.31
CA LEU A 52 -8.07 3.47 -18.61
C LEU A 52 -8.50 4.93 -18.45
N LEU A 53 -9.42 5.20 -17.52
CA LEU A 53 -9.83 6.58 -17.25
C LEU A 53 -8.63 7.43 -16.87
N GLY A 54 -7.81 6.95 -15.93
CA GLY A 54 -6.67 7.73 -15.47
C GLY A 54 -5.56 7.83 -16.50
N LYS A 55 -5.43 6.82 -17.37
CA LYS A 55 -4.41 6.88 -18.41
C LYS A 55 -4.61 8.07 -19.34
N TYR A 56 -5.87 8.47 -19.57
CA TYR A 56 -6.20 9.58 -20.44
C TYR A 56 -6.59 10.84 -19.65
N ASN A 57 -6.34 10.87 -18.35
CA ASN A 57 -6.49 12.08 -17.54
C ASN A 57 -7.92 12.61 -17.59
N ILE A 58 -8.90 11.70 -17.57
CA ILE A 58 -10.30 12.08 -17.49
C ILE A 58 -10.91 11.69 -16.16
N LEU A 59 -10.09 11.38 -15.16
CA LEU A 59 -10.57 11.17 -13.81
C LEU A 59 -10.65 12.51 -13.08
N PRO A 60 -11.44 12.59 -12.02
CA PRO A 60 -11.57 13.86 -11.30
C PRO A 60 -10.27 14.25 -10.59
N TYR A 61 -10.18 15.55 -10.27
CA TYR A 61 -9.02 16.11 -9.59
C TYR A 61 -9.46 16.68 -8.24
N ASP A 62 -8.49 16.74 -7.32
CA ASP A 62 -8.67 17.39 -6.02
C ASP A 62 -7.43 18.26 -5.78
N THR A 63 -7.50 19.50 -6.25
CA THR A 63 -6.38 20.43 -6.17
C THR A 63 -6.48 21.36 -4.96
N SER A 64 -7.30 21.00 -3.96
CA SER A 64 -7.44 21.80 -2.77
C SER A 64 -6.27 21.57 -1.81
N ASN A 65 -5.91 22.62 -1.08
CA ASN A 65 -4.87 22.48 -0.07
C ASN A 65 -5.31 21.53 1.03
N ASP A 66 -4.38 20.70 1.50
CA ASP A 66 -4.64 19.80 2.60
C ASP A 66 -4.26 20.45 3.93
N SER A 67 -4.88 19.97 5.00
CA SER A 67 -4.62 20.53 6.32
C SER A 67 -3.16 20.32 6.71
N ILE A 68 -2.47 21.42 6.99
CA ILE A 68 -1.08 21.32 7.43
C ILE A 68 -0.98 20.61 8.77
N TYR A 69 -2.07 20.57 9.53
CA TYR A 69 -2.10 19.83 10.79
C TYR A 69 -2.39 18.35 10.60
N ALA A 70 -2.74 17.93 9.38
CA ALA A 70 -2.93 16.52 9.06
C ALA A 70 -1.73 15.91 8.35
N CYS A 71 -0.73 16.71 7.99
CA CYS A 71 0.47 16.16 7.36
CA CYS A 71 0.48 16.18 7.37
C CYS A 71 1.16 15.17 8.31
N THR A 72 1.95 14.28 7.71
CA THR A 72 2.65 13.26 8.48
C THR A 72 3.95 12.91 7.79
N ASN A 73 4.77 12.13 8.48
CA ASN A 73 6.10 11.77 7.98
C ASN A 73 6.52 10.42 8.52
N ILE A 74 7.34 9.73 7.74
CA ILE A 74 8.08 8.55 8.18
C ILE A 74 9.54 8.86 7.93
N LYS A 75 10.29 9.09 9.00
CA LYS A 75 11.70 9.52 8.91
C LYS A 75 11.72 10.76 8.03
N HIS A 76 12.58 10.83 7.00
CA HIS A 76 12.66 12.01 6.15
C HIS A 76 11.64 11.99 5.01
N LEU A 77 10.75 11.00 4.98
CA LEU A 77 9.64 11.02 4.02
C LEU A 77 8.53 11.89 4.56
N ASP A 78 8.21 12.96 3.84
CA ASP A 78 7.18 13.92 4.25
C ASP A 78 5.93 13.69 3.40
N PHE A 79 4.86 13.23 4.03
CA PHE A 79 3.58 13.02 3.36
C PHE A 79 2.71 14.25 3.55
N ILE A 80 2.17 14.77 2.44
CA ILE A 80 1.33 15.96 2.51
C ILE A 80 0.00 15.66 3.18
N ASN A 81 -0.42 14.40 3.20
CA ASN A 81 -1.60 14.00 3.95
C ASN A 81 -1.50 12.49 4.21
N PRO A 82 -2.30 11.96 5.14
CA PRO A 82 -2.04 10.60 5.64
C PRO A 82 -2.75 9.49 4.88
N PHE A 83 -3.09 9.69 3.61
CA PHE A 83 -3.85 8.72 2.85
C PHE A 83 -3.15 8.44 1.52
N GLY A 84 -2.80 7.17 1.30
CA GLY A 84 -2.31 6.72 0.02
C GLY A 84 -3.08 5.50 -0.45
N VAL A 85 -2.70 5.01 -1.63
CA VAL A 85 -3.32 3.84 -2.24
C VAL A 85 -2.40 2.65 -2.05
N ALA A 86 -2.96 1.55 -1.54
CA ALA A 86 -2.15 0.38 -1.23
C ALA A 86 -1.68 -0.31 -2.51
N ALA A 87 -0.69 -1.19 -2.35
CA ALA A 87 -0.17 -1.95 -3.47
C ALA A 87 -1.27 -2.83 -4.08
N GLY A 88 -1.05 -3.23 -5.32
CA GLY A 88 -1.96 -4.10 -6.02
C GLY A 88 -3.10 -3.40 -6.74
N PHE A 89 -3.16 -2.07 -6.68
CA PHE A 89 -4.17 -1.32 -7.41
C PHE A 89 -3.62 -0.89 -8.77
N ASP A 90 -2.49 -0.19 -8.78
CA ASP A 90 -1.74 0.10 -9.99
C ASP A 90 -0.48 -0.74 -9.99
N LYS A 91 -0.66 -2.04 -10.25
CA LYS A 91 0.44 -3.00 -10.16
C LYS A 91 1.57 -2.70 -11.14
N ASN A 92 1.31 -1.91 -12.18
CA ASN A 92 2.29 -1.66 -13.23
C ASN A 92 2.65 -0.19 -13.39
N GLY A 93 2.11 0.70 -12.56
CA GLY A 93 2.50 2.09 -12.62
C GLY A 93 2.11 2.79 -13.90
N VAL A 94 0.98 2.40 -14.50
CA VAL A 94 0.51 3.02 -15.74
C VAL A 94 -0.49 4.13 -15.49
N CYS A 95 -0.88 4.36 -14.24
CA CYS A 95 -1.99 5.25 -13.91
C CYS A 95 -1.66 6.12 -12.70
N ILE A 96 -0.38 6.48 -12.53
CA ILE A 96 0.06 7.13 -11.30
C ILE A 96 -0.53 8.54 -11.21
N ASP A 97 -0.37 9.34 -12.26
CA ASP A 97 -0.76 10.75 -12.20
C ASP A 97 -2.21 10.90 -11.76
N SER A 98 -3.12 10.20 -12.45
CA SER A 98 -4.54 10.40 -12.20
C SER A 98 -4.94 9.93 -10.82
N ILE A 99 -4.37 8.82 -10.35
CA ILE A 99 -4.72 8.30 -9.02
C ILE A 99 -4.26 9.27 -7.94
N LEU A 100 -3.00 9.72 -8.01
CA LEU A 100 -2.52 10.72 -7.07
C LEU A 100 -3.40 11.96 -7.07
N LYS A 101 -3.80 12.41 -8.26
CA LYS A 101 -4.62 13.61 -8.37
C LYS A 101 -6.05 13.40 -7.88
N LEU A 102 -6.44 12.17 -7.56
CA LEU A 102 -7.71 11.95 -6.87
C LEU A 102 -7.69 12.48 -5.44
N GLY A 103 -6.52 12.84 -4.91
CA GLY A 103 -6.41 13.41 -3.59
C GLY A 103 -5.54 12.61 -2.63
N PHE A 104 -4.82 11.62 -3.15
CA PHE A 104 -3.92 10.82 -2.35
C PHE A 104 -2.53 11.44 -2.30
N SER A 105 -1.86 11.26 -1.17
CA SER A 105 -0.52 11.82 -1.01
C SER A 105 0.54 10.94 -1.65
N PHE A 106 0.31 9.62 -1.71
CA PHE A 106 1.29 8.70 -2.27
C PHE A 106 0.57 7.46 -2.78
N ILE A 107 1.30 6.67 -3.57
CA ILE A 107 0.80 5.41 -4.08
C ILE A 107 1.93 4.39 -4.01
N GLU A 108 1.58 3.16 -3.68
CA GLU A 108 2.51 2.04 -3.65
C GLU A 108 2.20 1.18 -4.87
N ILE A 109 3.06 1.23 -5.89
CA ILE A 109 2.85 0.45 -7.10
C ILE A 109 3.42 -0.95 -6.86
N GLY A 110 3.06 -1.89 -7.71
CA GLY A 110 3.37 -3.29 -7.48
C GLY A 110 2.20 -4.04 -6.87
N THR A 111 2.49 -5.21 -6.31
CA THR A 111 3.83 -5.78 -6.23
C THR A 111 4.35 -6.20 -7.59
N ILE A 112 5.61 -5.88 -7.88
CA ILE A 112 6.24 -6.24 -9.13
C ILE A 112 7.23 -7.38 -8.87
N THR A 113 7.53 -8.11 -9.94
CA THR A 113 8.51 -9.18 -9.94
C THR A 113 9.51 -8.93 -11.06
N PRO A 114 10.66 -9.60 -11.04
CA PRO A 114 11.64 -9.40 -12.12
C PRO A 114 11.08 -9.73 -13.50
N ARG A 115 10.37 -10.85 -13.64
CA ARG A 115 9.81 -11.27 -14.90
C ARG A 115 8.30 -11.10 -14.87
N GLY A 116 7.73 -10.79 -16.04
CA GLY A 116 6.29 -10.62 -16.11
C GLY A 116 5.55 -11.86 -15.69
N GLN A 117 4.32 -11.67 -15.22
CA GLN A 117 3.45 -12.76 -14.84
C GLN A 117 2.01 -12.38 -15.19
N THR A 118 1.25 -13.35 -15.68
CA THR A 118 -0.17 -13.13 -15.95
C THR A 118 -1.04 -13.40 -14.73
N GLY A 119 -0.49 -14.06 -13.70
CA GLY A 119 -1.25 -14.36 -12.51
C GLY A 119 -2.12 -15.58 -12.67
N ASN A 120 -2.87 -15.88 -11.61
CA ASN A 120 -3.77 -17.02 -11.64
C ASN A 120 -4.88 -16.80 -12.67
N ALA A 121 -5.62 -17.87 -12.95
CA ALA A 121 -6.69 -17.80 -13.93
C ALA A 121 -7.78 -16.85 -13.46
N LYS A 122 -8.45 -16.21 -14.43
CA LYS A 122 -9.60 -15.37 -14.12
C LYS A 122 -10.89 -16.20 -14.17
N PRO A 123 -11.92 -15.82 -13.41
CA PRO A 123 -12.01 -14.69 -12.49
C PRO A 123 -11.21 -14.89 -11.20
N ARG A 124 -10.53 -13.86 -10.72
CA ARG A 124 -9.70 -13.95 -9.53
C ARG A 124 -9.98 -12.84 -8.53
N ILE A 125 -11.00 -12.03 -8.74
CA ILE A 125 -11.39 -10.96 -7.82
C ILE A 125 -12.90 -11.04 -7.65
N PHE A 126 -13.35 -11.04 -6.40
CA PHE A 126 -14.76 -11.17 -6.08
C PHE A 126 -15.09 -10.22 -4.93
N ARG A 127 -16.26 -9.59 -5.01
CA ARG A 127 -16.67 -8.56 -4.06
C ARG A 127 -18.03 -8.91 -3.47
N ASP A 128 -18.15 -8.74 -2.15
CA ASP A 128 -19.43 -8.81 -1.45
C ASP A 128 -19.77 -7.38 -1.04
N VAL A 129 -20.70 -6.76 -1.79
CA VAL A 129 -21.01 -5.35 -1.56
C VAL A 129 -21.56 -5.13 -0.15
N GLU A 130 -22.41 -6.05 0.32
CA GLU A 130 -23.05 -5.86 1.61
C GLU A 130 -22.03 -5.72 2.73
N SER A 131 -21.07 -6.64 2.79
CA SER A 131 -20.03 -6.60 3.82
C SER A 131 -18.86 -5.71 3.43
N ARG A 132 -18.90 -5.06 2.27
CA ARG A 132 -17.82 -4.18 1.82
C ARG A 132 -16.48 -4.91 1.84
N SER A 133 -16.51 -6.18 1.43
CA SER A 133 -15.35 -7.04 1.49
C SER A 133 -14.97 -7.53 0.09
N ILE A 134 -13.70 -7.89 -0.06
CA ILE A 134 -13.16 -8.39 -1.32
C ILE A 134 -12.32 -9.62 -1.01
N ILE A 135 -12.34 -10.59 -1.94
CA ILE A 135 -11.41 -11.71 -1.92
C ILE A 135 -10.75 -11.77 -3.29
N ASN A 136 -9.43 -11.98 -3.30
CA ASN A 136 -8.67 -11.92 -4.54
C ASN A 136 -7.59 -13.00 -4.56
N SER A 137 -7.36 -13.57 -5.74
CA SER A 137 -6.27 -14.50 -5.98
C SER A 137 -5.56 -14.09 -7.27
N CYS A 138 -4.95 -12.90 -7.24
CA CYS A 138 -4.32 -12.36 -8.44
C CYS A 138 -3.07 -13.13 -8.82
N GLY A 139 -2.17 -13.33 -7.86
CA GLY A 139 -0.95 -14.08 -8.11
C GLY A 139 0.13 -13.25 -8.78
N PHE A 140 0.38 -12.07 -8.25
CA PHE A 140 1.46 -11.20 -8.71
C PHE A 140 1.49 -11.08 -10.24
N ASN A 141 0.36 -10.63 -10.79
CA ASN A 141 0.28 -10.32 -12.20
C ASN A 141 0.85 -8.92 -12.43
N ASN A 142 1.88 -8.82 -13.28
CA ASN A 142 2.51 -7.54 -13.54
C ASN A 142 3.31 -7.63 -14.82
N MET A 143 3.51 -6.47 -15.45
CA MET A 143 4.30 -6.42 -16.68
C MET A 143 5.70 -6.98 -16.47
N GLY A 144 6.25 -6.83 -15.27
CA GLY A 144 7.65 -7.10 -15.01
C GLY A 144 8.39 -5.84 -14.60
N CYS A 145 9.58 -6.05 -14.06
CA CYS A 145 10.35 -4.94 -13.52
C CYS A 145 10.75 -3.97 -14.63
N ASP A 146 11.23 -4.49 -15.75
CA ASP A 146 11.72 -3.64 -16.83
C ASP A 146 10.62 -2.69 -17.31
N LYS A 147 9.46 -3.24 -17.69
CA LYS A 147 8.40 -2.40 -18.23
C LYS A 147 7.84 -1.46 -17.19
N VAL A 148 7.63 -1.93 -15.96
CA VAL A 148 7.16 -1.04 -14.90
C VAL A 148 8.18 0.05 -14.64
N THR A 149 9.47 -0.30 -14.70
CA THR A 149 10.51 0.71 -14.56
C THR A 149 10.38 1.78 -15.63
N GLU A 150 10.15 1.37 -16.89
CA GLU A 150 9.88 2.33 -17.95
C GLU A 150 8.71 3.23 -17.57
N ASN A 151 7.61 2.63 -17.11
CA ASN A 151 6.43 3.41 -16.76
C ASN A 151 6.75 4.44 -15.68
N LEU A 152 7.50 4.03 -14.65
CA LEU A 152 7.81 4.95 -13.56
C LEU A 152 8.74 6.06 -14.04
N ILE A 153 9.73 5.72 -14.87
CA ILE A 153 10.59 6.75 -15.46
C ILE A 153 9.75 7.77 -16.22
N LEU A 154 8.74 7.30 -16.96
CA LEU A 154 7.86 8.23 -17.66
C LEU A 154 7.09 9.10 -16.68
N PHE A 155 6.62 8.52 -15.58
CA PHE A 155 5.91 9.32 -14.58
C PHE A 155 6.82 10.39 -14.00
N ARG A 156 8.04 10.00 -13.59
CA ARG A 156 8.96 10.96 -12.99
C ARG A 156 9.24 12.12 -13.93
N LYS A 157 9.29 11.85 -15.24
CA LYS A 157 9.50 12.94 -16.21
C LYS A 157 8.29 13.86 -16.23
N ARG A 158 7.08 13.30 -16.23
CA ARG A 158 5.88 14.14 -16.14
C ARG A 158 5.83 14.88 -14.80
N GLN A 159 6.23 14.21 -13.72
CA GLN A 159 6.27 14.86 -12.41
C GLN A 159 7.12 16.12 -12.45
N GLU A 160 8.23 16.09 -13.20
CA GLU A 160 9.14 17.22 -13.27
C GLU A 160 8.49 18.46 -13.90
N GLU A 161 7.33 18.31 -14.55
CA GLU A 161 6.70 19.41 -15.25
C GLU A 161 5.26 19.66 -14.80
N ASP A 162 4.80 19.00 -13.75
CA ASP A 162 3.43 19.15 -13.24
C ASP A 162 3.49 19.52 -11.77
N LYS A 163 2.99 20.72 -11.43
CA LYS A 163 3.03 21.17 -10.04
C LYS A 163 2.22 20.26 -9.14
N LEU A 164 1.10 19.73 -9.66
CA LEU A 164 0.22 18.88 -8.86
C LEU A 164 0.87 17.56 -8.47
N LEU A 165 2.09 17.29 -8.92
CA LEU A 165 2.80 16.06 -8.60
C LEU A 165 4.11 16.28 -7.87
N SER A 166 4.49 17.53 -7.59
CA SER A 166 5.84 17.81 -7.12
C SER A 166 6.10 17.25 -5.73
N LYS A 167 5.08 17.18 -4.87
CA LYS A 167 5.25 16.73 -3.50
C LYS A 167 4.69 15.33 -3.25
N HIS A 168 4.19 14.65 -4.28
CA HIS A 168 3.65 13.32 -4.10
C HIS A 168 4.77 12.28 -4.03
N ILE A 169 4.49 11.19 -3.32
CA ILE A 169 5.47 10.14 -3.05
C ILE A 169 5.03 8.88 -3.77
N VAL A 170 5.99 8.13 -4.31
CA VAL A 170 5.73 6.87 -4.99
C VAL A 170 6.65 5.82 -4.39
N GLY A 171 6.06 4.79 -3.78
CA GLY A 171 6.81 3.65 -3.31
C GLY A 171 6.59 2.46 -4.21
N VAL A 172 7.53 1.52 -4.23
CA VAL A 172 7.46 0.35 -5.10
C VAL A 172 7.47 -0.89 -4.22
N SER A 173 6.40 -1.67 -4.31
CA SER A 173 6.34 -2.97 -3.65
C SER A 173 6.98 -4.01 -4.56
N ILE A 174 7.88 -4.81 -4.01
CA ILE A 174 8.65 -5.78 -4.79
C ILE A 174 8.39 -7.17 -4.26
N GLY A 175 8.40 -8.14 -5.18
CA GLY A 175 8.18 -9.53 -4.83
C GLY A 175 8.95 -10.48 -5.73
N LYS A 176 8.56 -11.76 -5.71
CA LYS A 176 9.26 -12.79 -6.46
C LYS A 176 8.30 -13.51 -7.40
N ASN A 177 8.82 -13.92 -8.55
CA ASN A 177 8.04 -14.75 -9.45
C ASN A 177 7.63 -16.05 -8.76
N LYS A 178 6.54 -16.64 -9.24
CA LYS A 178 6.07 -17.90 -8.66
C LYS A 178 7.11 -19.00 -8.82
N ASP A 179 7.81 -19.01 -9.96
CA ASP A 179 8.79 -20.06 -10.23
C ASP A 179 10.15 -19.78 -9.61
N THR A 180 10.38 -18.59 -9.06
CA THR A 180 11.64 -18.31 -8.40
C THR A 180 11.79 -19.15 -7.14
N VAL A 181 13.03 -19.52 -6.84
CA VAL A 181 13.33 -20.34 -5.67
C VAL A 181 13.73 -19.42 -4.52
N ASN A 182 14.79 -18.64 -4.72
CA ASN A 182 15.28 -17.71 -3.70
CA ASN A 182 15.28 -17.72 -3.70
C ASN A 182 14.66 -16.34 -3.90
N ILE A 183 14.07 -15.80 -2.84
CA ILE A 183 13.42 -14.50 -2.94
C ILE A 183 14.44 -13.38 -3.06
N VAL A 184 15.56 -13.48 -2.34
CA VAL A 184 16.53 -12.39 -2.30
C VAL A 184 17.06 -12.10 -3.70
N ASP A 185 17.22 -13.13 -4.53
CA ASP A 185 17.74 -12.90 -5.88
C ASP A 185 16.81 -11.99 -6.68
N ASP A 186 15.50 -12.22 -6.60
CA ASP A 186 14.56 -11.37 -7.32
C ASP A 186 14.53 -9.96 -6.74
N LEU A 187 14.60 -9.84 -5.41
CA LEU A 187 14.59 -8.53 -4.79
C LEU A 187 15.78 -7.69 -5.24
N LYS A 188 16.93 -8.32 -5.52
CA LYS A 188 18.08 -7.57 -5.98
C LYS A 188 17.81 -6.94 -7.35
N TYR A 189 17.26 -7.73 -8.28
CA TYR A 189 16.99 -7.23 -9.61
C TYR A 189 16.10 -5.99 -9.57
N CYS A 190 15.01 -6.06 -8.80
CA CYS A 190 14.12 -4.92 -8.68
C CYS A 190 14.85 -3.70 -8.15
N ILE A 191 15.62 -3.89 -7.07
CA ILE A 191 16.38 -2.77 -6.49
C ILE A 191 17.33 -2.18 -7.52
N ASN A 192 18.02 -3.04 -8.28
CA ASN A 192 19.06 -2.57 -9.19
C ASN A 192 18.48 -1.74 -10.33
N LYS A 193 17.24 -2.01 -10.73
CA LYS A 193 16.66 -1.38 -11.92
C LYS A 193 15.71 -0.25 -11.57
N ILE A 194 14.80 -0.46 -10.63
CA ILE A 194 13.80 0.54 -10.25
C ILE A 194 14.12 1.20 -8.93
N GLY A 195 15.25 0.86 -8.29
CA GLY A 195 15.52 1.38 -6.97
C GLY A 195 15.79 2.88 -6.96
N ARG A 196 16.48 3.38 -7.97
CA ARG A 196 16.84 4.80 -8.00
C ARG A 196 15.68 5.70 -8.40
N TYR A 197 14.50 5.14 -8.66
CA TYR A 197 13.32 5.91 -8.99
C TYR A 197 12.24 5.84 -7.92
N ALA A 198 12.46 5.09 -6.85
CA ALA A 198 11.47 4.87 -5.82
C ALA A 198 11.78 5.73 -4.60
N ASP A 199 10.74 6.27 -3.98
CA ASP A 199 10.91 6.97 -2.72
C ASP A 199 11.07 6.01 -1.54
N TYR A 200 10.49 4.82 -1.63
CA TYR A 200 10.73 3.78 -0.64
C TYR A 200 10.46 2.43 -1.29
N ILE A 201 11.01 1.39 -0.67
CA ILE A 201 10.85 0.01 -1.13
C ILE A 201 10.04 -0.74 -0.08
N ALA A 202 8.98 -1.41 -0.52
CA ALA A 202 8.14 -2.23 0.34
C ALA A 202 8.43 -3.70 0.04
N ILE A 203 8.85 -4.45 1.05
CA ILE A 203 9.17 -5.86 0.90
C ILE A 203 7.89 -6.65 1.16
N ASN A 204 7.35 -7.27 0.10
CA ASN A 204 6.11 -8.03 0.19
C ASN A 204 6.44 -9.49 0.44
N VAL A 205 6.38 -9.90 1.71
CA VAL A 205 6.60 -11.29 2.09
C VAL A 205 5.33 -11.82 2.75
N SER A 206 4.18 -11.31 2.31
CA SER A 206 2.91 -11.61 2.97
C SER A 206 1.78 -11.95 1.99
N SER A 207 2.06 -12.09 0.71
CA SER A 207 1.02 -12.48 -0.23
C SER A 207 0.59 -13.91 0.03
N PRO A 208 -0.71 -14.19 0.11
CA PRO A 208 -1.18 -15.58 0.27
C PRO A 208 -1.41 -16.32 -1.04
N ASN A 209 -1.16 -15.68 -2.19
CA ASN A 209 -1.53 -16.23 -3.48
C ASN A 209 -0.35 -16.71 -4.30
N THR A 210 0.86 -16.72 -3.72
CA THR A 210 2.01 -17.36 -4.34
C THR A 210 2.56 -18.38 -3.35
N PRO A 211 2.56 -19.67 -3.66
CA PRO A 211 2.88 -20.68 -2.65
C PRO A 211 4.22 -20.43 -1.98
N GLY A 212 4.26 -20.67 -0.66
CA GLY A 212 5.50 -20.70 0.09
C GLY A 212 6.07 -19.36 0.47
N LEU A 213 5.44 -18.25 0.06
CA LEU A 213 6.01 -16.94 0.37
C LEU A 213 5.94 -16.63 1.87
N ARG A 214 4.75 -16.81 2.46
CA ARG A 214 4.57 -16.44 3.86
C ARG A 214 5.54 -17.18 4.78
N ASP A 215 6.01 -18.36 4.37
CA ASP A 215 7.03 -19.06 5.14
C ASP A 215 8.30 -18.24 5.27
N ASN A 216 8.54 -17.28 4.36
CA ASN A 216 9.72 -16.44 4.41
C ASN A 216 9.68 -15.44 5.57
N GLN A 217 8.57 -15.37 6.30
CA GLN A 217 8.47 -14.47 7.45
C GLN A 217 9.18 -15.02 8.69
N GLU A 218 9.69 -16.24 8.64
CA GLU A 218 10.52 -16.73 9.72
C GLU A 218 11.69 -15.78 9.95
N ALA A 219 12.08 -15.63 11.21
CA ALA A 219 13.02 -14.57 11.58
C ALA A 219 14.31 -14.67 10.77
N GLY A 220 14.94 -15.84 10.75
CA GLY A 220 16.20 -15.99 10.04
C GLY A 220 16.09 -15.57 8.58
N LYS A 221 15.13 -16.13 7.86
CA LYS A 221 14.98 -15.80 6.45
C LYS A 221 14.59 -14.34 6.26
N LEU A 222 13.70 -13.82 7.11
CA LEU A 222 13.35 -12.41 7.03
C LEU A 222 14.54 -11.52 7.32
N LYS A 223 15.36 -11.91 8.30
CA LYS A 223 16.56 -11.14 8.62
C LYS A 223 17.48 -11.05 7.40
N ASN A 224 17.75 -12.17 6.74
CA ASN A 224 18.59 -12.15 5.56
C ASN A 224 17.95 -11.34 4.45
N ILE A 225 16.63 -11.43 4.30
CA ILE A 225 15.94 -10.67 3.26
C ILE A 225 16.13 -9.18 3.48
N ILE A 226 15.90 -8.70 4.70
CA ILE A 226 15.98 -7.28 4.97
C ILE A 226 17.41 -6.78 4.78
N LEU A 227 18.40 -7.53 5.28
CA LEU A 227 19.79 -7.11 5.11
C LEU A 227 20.17 -7.06 3.64
N SER A 228 19.75 -8.05 2.86
CA SER A 228 20.09 -8.06 1.44
C SER A 228 19.41 -6.90 0.70
N VAL A 229 18.14 -6.64 1.01
CA VAL A 229 17.44 -5.52 0.39
C VAL A 229 18.11 -4.20 0.78
N LYS A 230 18.39 -4.03 2.08
CA LYS A 230 19.04 -2.81 2.53
C LYS A 230 20.46 -2.69 2.00
N GLU A 231 21.14 -3.83 1.78
CA GLU A 231 22.49 -3.80 1.22
C GLU A 231 22.48 -3.33 -0.22
N GLU A 232 21.55 -3.84 -1.03
CA GLU A 232 21.49 -3.47 -2.44
C GLU A 232 21.19 -1.98 -2.61
N ILE A 233 20.31 -1.42 -1.77
CA ILE A 233 19.98 -0.01 -1.86
C ILE A 233 21.20 0.84 -1.53
N ASP A 234 21.89 0.51 -0.44
CA ASP A 234 23.10 1.25 -0.08
C ASP A 234 24.18 1.09 -1.14
N ASN A 235 24.17 -0.02 -1.87
CA ASN A 235 25.18 -0.27 -2.89
C ASN A 235 24.89 0.43 -4.22
N LEU A 236 23.67 0.95 -4.40
CA LEU A 236 23.39 1.73 -5.60
C LEU A 236 24.29 2.96 -5.67
N GLU A 237 24.54 3.60 -4.53
CA GLU A 237 25.38 4.79 -4.50
C GLU A 237 26.80 4.45 -4.93
N LYS A 238 27.39 3.41 -4.35
CA LYS A 238 28.81 3.13 -4.54
C LYS A 238 29.13 2.94 -6.02
N ASN A 239 28.35 2.12 -6.71
CA ASN A 239 28.60 1.82 -8.12
C ASN A 239 28.17 2.98 -9.02
N PHE A 246 22.15 13.42 -11.31
CA PHE A 246 22.01 12.96 -9.93
C PHE A 246 21.46 11.54 -9.91
N LEU A 247 21.77 10.81 -8.82
CA LEU A 247 21.46 9.39 -8.77
C LEU A 247 19.97 9.14 -8.53
N TRP A 248 19.38 9.85 -7.57
CA TRP A 248 18.03 9.56 -7.11
C TRP A 248 17.03 10.37 -7.93
N PHE A 249 16.47 9.74 -8.95
CA PHE A 249 15.48 10.37 -9.82
C PHE A 249 14.07 10.12 -9.28
N ASN A 250 13.85 10.58 -8.06
CA ASN A 250 12.58 10.39 -7.37
C ASN A 250 12.17 11.74 -6.78
N THR A 251 11.23 11.71 -5.83
CA THR A 251 10.74 12.95 -5.23
C THR A 251 11.71 13.49 -4.18
N THR A 252 12.31 12.60 -3.38
CA THR A 252 13.12 13.03 -2.25
C THR A 252 14.53 13.41 -2.66
N LYS A 253 15.03 12.87 -3.76
CA LYS A 253 16.45 12.98 -4.13
C LYS A 253 17.34 12.28 -3.12
N LYS A 254 16.78 11.35 -2.36
CA LYS A 254 17.49 10.55 -1.37
C LYS A 254 17.34 9.08 -1.74
N LYS A 255 18.08 8.23 -1.04
CA LYS A 255 17.93 6.80 -1.25
C LYS A 255 16.58 6.34 -0.71
N PRO A 256 15.97 5.33 -1.34
CA PRO A 256 14.65 4.88 -0.86
C PRO A 256 14.73 4.23 0.51
N LEU A 257 13.73 4.49 1.32
CA LEU A 257 13.59 3.78 2.59
C LEU A 257 13.10 2.36 2.34
N VAL A 258 13.28 1.50 3.34
CA VAL A 258 12.94 0.09 3.22
C VAL A 258 11.81 -0.22 4.19
N PHE A 259 10.73 -0.77 3.67
CA PHE A 259 9.57 -1.18 4.46
C PHE A 259 9.29 -2.65 4.22
N VAL A 260 8.61 -3.27 5.18
CA VAL A 260 8.20 -4.67 5.07
C VAL A 260 6.70 -4.73 5.31
N LYS A 261 5.99 -5.47 4.45
CA LYS A 261 4.56 -5.71 4.61
C LYS A 261 4.36 -7.08 5.23
N LEU A 262 3.66 -7.13 6.36
CA LEU A 262 3.50 -8.35 7.13
C LEU A 262 2.11 -8.92 6.95
N ALA A 263 2.01 -10.27 7.05
CA ALA A 263 0.72 -10.95 7.00
C ALA A 263 0.12 -11.05 8.39
N PRO A 264 -1.22 -11.07 8.50
CA PRO A 264 -1.85 -11.14 9.83
C PRO A 264 -2.01 -12.53 10.41
N ASP A 265 -1.77 -13.58 9.62
CA ASP A 265 -2.04 -14.96 10.07
C ASP A 265 -0.76 -15.59 10.65
N LEU A 266 -0.28 -14.99 11.74
CA LEU A 266 0.87 -15.50 12.47
C LEU A 266 0.50 -15.65 13.94
N ASN A 267 1.25 -16.50 14.63
CA ASN A 267 1.09 -16.64 16.07
C ASN A 267 2.00 -15.63 16.80
N GLN A 268 1.83 -15.56 18.12
CA GLN A 268 2.46 -14.50 18.88
C GLN A 268 3.97 -14.65 18.93
N GLU A 269 4.47 -15.88 19.05
CA GLU A 269 5.91 -16.07 19.13
C GLU A 269 6.58 -15.62 17.83
N GLN A 270 5.96 -15.88 16.68
CA GLN A 270 6.51 -15.44 15.41
C GLN A 270 6.55 -13.92 15.32
N LYS A 271 5.44 -13.28 15.71
CA LYS A 271 5.41 -11.82 15.70
C LYS A 271 6.54 -11.24 16.55
N LYS A 272 6.87 -11.90 17.65
CA LYS A 272 7.96 -11.44 18.50
C LYS A 272 9.30 -11.52 17.75
N GLU A 273 9.58 -12.67 17.14
CA GLU A 273 10.81 -12.81 16.36
C GLU A 273 10.89 -11.72 15.30
N ILE A 274 9.80 -11.56 14.52
CA ILE A 274 9.78 -10.57 13.45
C ILE A 274 10.12 -9.20 13.99
N ALA A 275 9.44 -8.77 15.06
CA ALA A 275 9.74 -7.49 15.68
C ALA A 275 11.21 -7.36 16.01
N ASP A 276 11.79 -8.42 16.59
CA ASP A 276 13.21 -8.39 16.92
C ASP A 276 14.06 -8.24 15.66
N VAL A 277 13.69 -8.93 14.58
CA VAL A 277 14.44 -8.83 13.33
C VAL A 277 14.38 -7.40 12.79
N LEU A 278 13.16 -6.91 12.54
CA LEU A 278 12.99 -5.59 11.95
C LEU A 278 13.84 -4.55 12.66
N LEU A 279 13.72 -4.45 13.99
CA LEU A 279 14.52 -3.48 14.73
C LEU A 279 16.01 -3.75 14.55
N GLU A 280 16.42 -5.01 14.73
CA GLU A 280 17.83 -5.35 14.57
C GLU A 280 18.33 -5.00 13.19
N THR A 281 17.61 -5.42 12.15
CA THR A 281 18.00 -5.11 10.78
C THR A 281 17.85 -3.63 10.45
N ASN A 282 17.16 -2.86 11.29
CA ASN A 282 16.97 -1.43 11.08
C ASN A 282 16.03 -1.18 9.90
N ILE A 283 14.76 -1.56 10.04
CA ILE A 283 13.77 -1.34 9.00
C ILE A 283 13.19 0.05 9.17
N ASP A 284 12.95 0.74 8.04
CA ASP A 284 12.41 2.09 8.09
C ASP A 284 10.93 2.11 8.46
N GLY A 285 10.23 1.00 8.28
CA GLY A 285 8.82 0.95 8.62
C GLY A 285 8.30 -0.45 8.40
N MET A 286 7.01 -0.64 8.71
CA MET A 286 6.38 -1.93 8.52
C MET A 286 4.90 -1.72 8.21
N ILE A 287 4.48 -2.15 7.03
CA ILE A 287 3.08 -2.06 6.63
C ILE A 287 2.31 -3.19 7.31
N ILE A 288 1.12 -2.85 7.83
CA ILE A 288 0.25 -3.80 8.53
C ILE A 288 -1.18 -3.47 8.11
N SER A 289 -1.79 -4.33 7.29
CA SER A 289 -1.23 -5.60 6.82
C SER A 289 -1.76 -5.95 5.43
N ASN A 290 -1.44 -7.16 5.00
CA ASN A 290 -1.91 -7.68 3.72
C ASN A 290 -3.26 -8.37 3.94
N THR A 291 -3.66 -9.24 3.01
CA THR A 291 -4.91 -9.95 3.15
C THR A 291 -4.77 -11.11 4.12
N THR A 292 -5.91 -11.67 4.52
CA THR A 292 -5.97 -12.76 5.48
C THR A 292 -6.73 -13.94 4.86
N THR A 293 -6.42 -15.14 5.34
CA THR A 293 -7.02 -16.37 4.85
C THR A 293 -7.89 -17.07 5.89
N GLN A 294 -8.03 -16.51 7.09
CA GLN A 294 -8.70 -17.20 8.18
C GLN A 294 -10.17 -16.81 8.34
N ILE A 295 -10.66 -15.88 7.52
CA ILE A 295 -12.06 -15.46 7.59
C ILE A 295 -12.89 -16.40 6.73
N ASN A 296 -13.99 -16.91 7.29
CA ASN A 296 -14.79 -17.93 6.61
C ASN A 296 -16.29 -17.74 6.79
N ASP A 297 -16.75 -16.51 7.06
CA ASP A 297 -18.15 -16.25 7.35
C ASP A 297 -18.76 -15.25 6.37
N ILE A 298 -18.29 -15.25 5.13
CA ILE A 298 -18.91 -14.50 4.04
C ILE A 298 -19.51 -15.52 3.08
N LYS A 299 -20.83 -15.50 2.94
CA LYS A 299 -21.53 -16.55 2.22
C LYS A 299 -21.08 -16.62 0.75
N SER A 300 -20.90 -15.46 0.11
CA SER A 300 -20.52 -15.45 -1.30
C SER A 300 -19.07 -15.84 -1.53
N PHE A 301 -18.25 -15.90 -0.48
CA PHE A 301 -16.84 -16.24 -0.62
C PHE A 301 -16.53 -17.67 -0.23
N GLU A 302 -17.53 -18.48 0.10
CA GLU A 302 -17.26 -19.83 0.58
C GLU A 302 -16.59 -20.67 -0.49
N ASN A 303 -15.56 -21.42 -0.08
CA ASN A 303 -14.83 -22.34 -0.94
C ASN A 303 -14.06 -21.62 -2.04
N LYS A 304 -13.69 -20.36 -1.82
CA LYS A 304 -12.90 -19.59 -2.77
C LYS A 304 -11.49 -19.38 -2.24
N LYS A 305 -10.50 -19.54 -3.12
CA LYS A 305 -9.12 -19.28 -2.76
C LYS A 305 -8.82 -17.79 -2.80
N GLY A 306 -7.81 -17.40 -2.05
CA GLY A 306 -7.32 -16.03 -2.05
C GLY A 306 -7.46 -15.37 -0.69
N GLY A 307 -6.91 -14.16 -0.61
CA GLY A 307 -6.96 -13.37 0.61
C GLY A 307 -8.12 -12.41 0.59
N VAL A 308 -8.65 -12.12 1.79
CA VAL A 308 -9.85 -11.31 1.95
C VAL A 308 -9.44 -9.91 2.39
N SER A 309 -10.08 -8.90 1.80
CA SER A 309 -9.84 -7.50 2.13
C SER A 309 -11.14 -6.84 2.55
N GLY A 310 -11.03 -5.60 3.02
CA GLY A 310 -12.20 -4.79 3.31
C GLY A 310 -12.47 -4.63 4.80
N ALA A 311 -13.75 -4.36 5.11
CA ALA A 311 -14.12 -4.01 6.48
C ALA A 311 -13.83 -5.14 7.45
N LYS A 312 -14.20 -6.37 7.08
CA LYS A 312 -14.03 -7.50 7.99
C LYS A 312 -12.59 -7.66 8.46
N LEU A 313 -11.62 -7.10 7.73
CA LEU A 313 -10.22 -7.17 8.11
C LEU A 313 -9.79 -6.02 9.01
N LYS A 314 -10.64 -5.00 9.19
CA LYS A 314 -10.28 -3.81 9.93
C LYS A 314 -9.82 -4.13 11.35
N ASP A 315 -10.74 -4.59 12.20
CA ASP A 315 -10.42 -4.77 13.61
C ASP A 315 -9.26 -5.73 13.81
N ILE A 316 -9.17 -6.76 12.97
CA ILE A 316 -8.07 -7.71 13.09
C ILE A 316 -6.74 -7.01 12.85
N SER A 317 -6.66 -6.21 11.79
CA SER A 317 -5.41 -5.55 11.43
C SER A 317 -5.01 -4.52 12.48
N THR A 318 -5.96 -3.74 12.98
CA THR A 318 -5.64 -2.71 13.97
C THR A 318 -4.95 -3.32 15.19
N LYS A 319 -5.40 -4.50 15.60
CA LYS A 319 -4.76 -5.19 16.73
C LYS A 319 -3.34 -5.61 16.37
N PHE A 320 -3.14 -6.10 15.15
CA PHE A 320 -1.80 -6.45 14.69
C PHE A 320 -0.86 -5.26 14.83
N ILE A 321 -1.37 -4.04 14.62
CA ILE A 321 -0.57 -2.85 14.86
C ILE A 321 -0.30 -2.68 16.35
N CYS A 322 -1.36 -2.71 17.16
CA CYS A 322 -1.19 -2.60 18.61
C CYS A 322 -0.16 -3.60 19.11
N GLU A 323 -0.32 -4.87 18.74
CA GLU A 323 0.66 -5.88 19.13
C GLU A 323 2.06 -5.51 18.65
N MET A 324 2.23 -5.40 17.33
CA MET A 324 3.55 -5.11 16.77
C MET A 324 4.10 -3.79 17.31
N TYR A 325 3.25 -2.77 17.45
CA TYR A 325 3.70 -1.49 17.95
C TYR A 325 4.37 -1.63 19.31
N ASN A 326 3.81 -2.48 20.18
CA ASN A 326 4.44 -2.77 21.46
C ASN A 326 5.70 -3.62 21.26
N TYR A 327 5.60 -4.69 20.48
CA TYR A 327 6.74 -5.55 20.24
C TYR A 327 7.93 -4.78 19.67
N THR A 328 7.66 -3.70 18.94
CA THR A 328 8.70 -2.85 18.38
C THR A 328 9.13 -1.73 19.32
N ASN A 329 8.44 -1.57 20.45
CA ASN A 329 8.80 -0.55 21.44
C ASN A 329 8.74 0.85 20.84
N LYS A 330 7.82 1.08 19.91
CA LYS A 330 7.59 2.37 19.27
C LYS A 330 8.76 2.84 18.42
N GLN A 331 9.72 1.97 18.11
CA GLN A 331 10.91 2.37 17.39
C GLN A 331 10.80 2.20 15.88
N ILE A 332 9.77 1.49 15.40
CA ILE A 332 9.59 1.26 13.97
C ILE A 332 8.25 1.87 13.56
N PRO A 333 8.22 2.89 12.69
CA PRO A 333 6.94 3.45 12.27
C PRO A 333 6.03 2.40 11.66
N ILE A 334 4.72 2.65 11.74
CA ILE A 334 3.69 1.75 11.23
C ILE A 334 2.97 2.43 10.08
N ILE A 335 2.66 1.65 9.04
CA ILE A 335 1.82 2.08 7.93
C ILE A 335 0.58 1.19 7.96
N ALA A 336 -0.60 1.80 8.04
CA ALA A 336 -1.84 1.08 8.27
C ALA A 336 -2.50 0.73 6.94
N SER A 337 -2.93 -0.53 6.81
CA SER A 337 -3.64 -0.99 5.63
C SER A 337 -4.55 -2.13 6.02
N GLY A 338 -5.86 -1.94 5.88
CA GLY A 338 -6.81 -3.00 6.19
C GLY A 338 -8.14 -2.50 6.69
N GLY A 339 -9.12 -2.41 5.79
CA GLY A 339 -10.48 -2.09 6.19
C GLY A 339 -10.72 -0.65 6.62
N ILE A 340 -9.91 0.28 6.12
CA ILE A 340 -10.05 1.70 6.43
C ILE A 340 -11.05 2.30 5.45
N PHE A 341 -12.20 2.76 5.96
CA PHE A 341 -13.25 3.30 5.10
C PHE A 341 -13.67 4.71 5.51
N SER A 342 -13.53 5.05 6.79
CA SER A 342 -13.98 6.33 7.31
C SER A 342 -12.83 7.03 8.04
N GLY A 343 -13.02 8.33 8.28
CA GLY A 343 -12.04 9.08 9.04
C GLY A 343 -11.81 8.52 10.42
N LEU A 344 -12.86 7.99 11.06
CA LEU A 344 -12.69 7.36 12.36
C LEU A 344 -11.93 6.05 12.25
N ASP A 345 -12.25 5.23 11.25
CA ASP A 345 -11.46 4.04 11.00
C ASP A 345 -9.98 4.39 10.84
N ALA A 346 -9.70 5.54 10.23
CA ALA A 346 -8.31 5.97 10.08
C ALA A 346 -7.72 6.40 11.41
N LEU A 347 -8.48 7.16 12.21
CA LEU A 347 -7.97 7.57 13.51
C LEU A 347 -7.75 6.38 14.44
N GLU A 348 -8.60 5.35 14.32
CA GLU A 348 -8.35 4.12 15.06
C GLU A 348 -6.97 3.56 14.72
N LYS A 349 -6.61 3.57 13.43
CA LYS A 349 -5.28 3.11 13.03
C LYS A 349 -4.20 4.05 13.55
N ILE A 350 -4.43 5.36 13.47
CA ILE A 350 -3.43 6.32 13.91
C ILE A 350 -3.21 6.23 15.41
N GLU A 351 -4.30 6.35 16.19
CA GLU A 351 -4.17 6.27 17.63
C GLU A 351 -3.59 4.93 18.08
N ALA A 352 -3.76 3.89 17.26
CA ALA A 352 -3.18 2.59 17.60
C ALA A 352 -1.67 2.57 17.40
N GLY A 353 -1.12 3.52 16.64
CA GLY A 353 0.32 3.59 16.46
C GLY A 353 0.75 3.86 15.03
N ALA A 354 -0.20 3.98 14.12
CA ALA A 354 0.12 4.20 12.71
C ALA A 354 0.45 5.66 12.44
N SER A 355 1.37 5.89 11.50
CA SER A 355 1.73 7.23 11.07
C SER A 355 1.07 7.62 9.76
N VAL A 356 0.66 6.65 8.95
CA VAL A 356 0.05 6.93 7.65
C VAL A 356 -0.82 5.73 7.30
N CYS A 357 -1.80 5.94 6.41
CA CYS A 357 -2.77 4.92 6.06
C CYS A 357 -2.79 4.71 4.55
N GLN A 358 -3.07 3.47 4.16
CA GLN A 358 -3.27 3.10 2.77
C GLN A 358 -4.70 2.62 2.58
N LEU A 359 -5.29 2.98 1.45
CA LEU A 359 -6.64 2.55 1.10
C LEU A 359 -6.59 1.63 -0.11
N TYR A 360 -7.58 0.75 -0.19
CA TYR A 360 -7.73 -0.12 -1.35
C TYR A 360 -9.20 -0.48 -1.55
N SER A 361 -9.80 -1.12 -0.54
CA SER A 361 -11.22 -1.46 -0.63
C SER A 361 -12.10 -0.22 -0.56
N CYS A 362 -11.74 0.72 0.32
CA CYS A 362 -12.49 1.98 0.39
C CYS A 362 -12.59 2.63 -0.98
N LEU A 363 -11.50 2.61 -1.75
CA LEU A 363 -11.53 3.11 -3.11
C LEU A 363 -12.50 2.29 -3.96
N VAL A 364 -12.47 0.97 -3.80
CA VAL A 364 -13.34 0.09 -4.59
C VAL A 364 -14.81 0.40 -4.31
N PHE A 365 -15.16 0.56 -3.03
CA PHE A 365 -16.56 0.67 -2.64
C PHE A 365 -17.07 2.09 -2.51
N ASN A 366 -16.18 3.08 -2.34
CA ASN A 366 -16.60 4.48 -2.32
C ASN A 366 -16.23 5.24 -3.58
N GLY A 367 -15.21 4.79 -4.32
CA GLY A 367 -14.94 5.34 -5.64
C GLY A 367 -14.08 6.59 -5.64
N MET A 368 -14.33 7.46 -6.63
CA MET A 368 -13.46 8.60 -6.86
C MET A 368 -13.39 9.53 -5.65
N LYS A 369 -14.44 9.54 -4.83
CA LYS A 369 -14.52 10.46 -3.70
C LYS A 369 -13.78 9.96 -2.47
N SER A 370 -13.15 8.78 -2.54
CA SER A 370 -12.60 8.16 -1.34
C SER A 370 -11.67 9.10 -0.58
N ALA A 371 -10.69 9.67 -1.27
CA ALA A 371 -9.71 10.50 -0.60
C ALA A 371 -10.33 11.78 -0.04
N VAL A 372 -11.18 12.44 -0.83
CA VAL A 372 -11.79 13.70 -0.38
C VAL A 372 -12.67 13.45 0.84
N GLN A 373 -13.48 12.39 0.79
CA GLN A 373 -14.40 12.12 1.89
C GLN A 373 -13.65 11.78 3.17
N ILE A 374 -12.61 10.96 3.08
CA ILE A 374 -11.92 10.50 4.28
C ILE A 374 -11.00 11.58 4.83
N LYS A 375 -10.45 12.44 3.97
CA LYS A 375 -9.66 13.56 4.45
C LYS A 375 -10.53 14.57 5.19
N ARG A 376 -11.70 14.88 4.63
CA ARG A 376 -12.62 15.78 5.32
C ARG A 376 -13.06 15.20 6.66
N GLU A 377 -13.33 13.89 6.70
CA GLU A 377 -13.78 13.26 7.92
C GLU A 377 -12.68 13.23 8.98
N LEU A 378 -11.43 13.02 8.56
CA LEU A 378 -10.33 12.97 9.53
C LEU A 378 -10.06 14.34 10.12
N ASN A 379 -10.11 15.40 9.30
CA ASN A 379 -9.92 16.74 9.83
C ASN A 379 -11.01 17.10 10.84
N HIS A 380 -12.26 16.75 10.53
CA HIS A 380 -13.36 16.99 11.46
C HIS A 380 -13.12 16.28 12.79
N LEU A 381 -12.42 15.15 12.76
CA LEU A 381 -12.27 14.33 13.96
C LEU A 381 -11.25 14.92 14.92
N LEU A 382 -10.08 15.31 14.41
CA LEU A 382 -9.07 15.91 15.28
C LEU A 382 -9.55 17.21 15.91
N TYR A 383 -10.42 17.95 15.21
CA TYR A 383 -10.96 19.17 15.77
C TYR A 383 -11.77 18.88 17.03
N GLN A 384 -12.64 17.88 16.98
CA GLN A 384 -13.49 17.56 18.12
C GLN A 384 -12.69 16.95 19.27
N ARG A 385 -11.62 16.22 18.96
CA ARG A 385 -10.85 15.51 19.98
C ARG A 385 -9.73 16.37 20.57
N GLY A 386 -9.60 17.62 20.14
CA GLY A 386 -8.65 18.54 20.74
C GLY A 386 -7.22 18.38 20.31
N TYR A 387 -6.94 17.57 19.28
CA TYR A 387 -5.58 17.38 18.82
C TYR A 387 -5.06 18.63 18.12
N TYR A 388 -3.78 18.94 18.32
CA TYR A 388 -3.15 20.04 17.61
C TYR A 388 -2.87 19.66 16.16
N ASN A 389 -2.32 18.47 15.94
CA ASN A 389 -2.04 17.97 14.60
C ASN A 389 -2.10 16.44 14.63
N LEU A 390 -1.90 15.84 13.45
CA LEU A 390 -1.94 14.39 13.36
C LEU A 390 -0.85 13.74 14.21
N LYS A 391 0.33 14.37 14.27
CA LYS A 391 1.44 13.78 15.01
C LYS A 391 1.05 13.49 16.46
N GLU A 392 0.23 14.36 17.06
CA GLU A 392 -0.16 14.17 18.45
C GLU A 392 -0.98 12.92 18.67
N ALA A 393 -1.59 12.37 17.62
CA ALA A 393 -2.51 11.24 17.78
C ALA A 393 -1.82 9.89 17.75
N ILE A 394 -0.61 9.80 17.21
CA ILE A 394 0.03 8.49 17.04
C ILE A 394 0.20 7.83 18.40
N GLY A 395 -0.35 6.62 18.55
CA GLY A 395 -0.18 5.86 19.77
C GLY A 395 -0.89 6.41 20.98
N ARG A 396 -1.74 7.41 20.82
CA ARG A 396 -2.46 7.96 21.97
C ARG A 396 -3.40 6.93 22.58
N LYS A 397 -3.82 5.92 21.81
CA LYS A 397 -4.68 4.89 22.36
C LYS A 397 -4.01 4.14 23.51
N HIS A 398 -2.68 4.11 23.52
CA HIS A 398 -1.93 3.37 24.54
C HIS A 398 -1.54 4.30 25.69
#